data_2V6I
#
_entry.id   2V6I
#
_cell.length_a   88.269
_cell.length_b   88.269
_cell.length_c   139.087
_cell.angle_alpha   90.00
_cell.angle_beta   90.00
_cell.angle_gamma   120.00
#
_symmetry.space_group_name_H-M   'P 31 2 1'
#
loop_
_entity.id
_entity.type
_entity.pdbx_description
1 polymer 'RNA HELICASE'
2 non-polymer 'PYROPHOSPHATE 2-'
3 water water
#
_entity_poly.entity_id   1
_entity_poly.type   'polypeptide(L)'
_entity_poly.pdbx_seq_one_letter_code
;KRELTVLDLHPGAGKTRRVLPQLVREAVKKRLRTVILAPTRVVASEMYEALRGEPIRYMTPAVQSERTGNEIVDFMCHST
FTMKLLQGVRVPNYNLYIMDEAHFLDPASVAARGYIETRVSMGDAGAIFMTATPPGTTEAFPPSNSPIIDEETRIPDKAW
NSGYEWITEFDGRTVWFVHSIKQGAEIGTCLQKAGKKVLYLNRKTFESEYPKCKSEKWDFVITTDISEMGANFKADRVID
PRKTIKPILLDGRVSMQGPIAITPASAAQRRGRIGRNPEKLGDIYAYSGNVSSDNEGHVSWTEARMLLDNVHVQGGVVAQ
LYTPEREKTEAYEGEFKLKTNQRKVFSELIRTGDLPVWLAFQVASANVEYHDRKWCFDGPNEHLLLENNQEIEVWTRQGQ
RRVLKPRWLDGRITSDHLNLKSFKEFASGKR
;
_entity_poly.pdbx_strand_id   A
#
loop_
_chem_comp.id
_chem_comp.type
_chem_comp.name
_chem_comp.formula
POP non-polymer 'PYROPHOSPHATE 2-' 'H2 O7 P2 -2'
#
# COMPACT_ATOMS: atom_id res chain seq x y z
N ARG A 2 -4.92 -23.91 14.56
CA ARG A 2 -3.76 -24.79 14.31
C ARG A 2 -2.49 -24.06 13.86
N GLU A 3 -2.45 -23.71 12.57
CA GLU A 3 -1.19 -23.42 11.87
C GLU A 3 -1.21 -22.11 11.08
N LEU A 4 -0.05 -21.45 10.99
CA LEU A 4 0.16 -20.39 10.01
C LEU A 4 0.83 -20.95 8.74
N THR A 5 0.00 -21.14 7.72
CA THR A 5 0.46 -21.64 6.43
C THR A 5 0.78 -20.46 5.52
N VAL A 6 1.99 -20.47 4.95
CA VAL A 6 2.36 -19.51 3.93
C VAL A 6 2.30 -20.20 2.57
N LEU A 7 1.38 -19.74 1.73
CA LEU A 7 1.39 -20.21 0.37
C LEU A 7 1.92 -19.18 -0.62
N ASP A 8 3.15 -19.41 -1.05
CA ASP A 8 3.75 -18.67 -2.13
C ASP A 8 3.06 -19.17 -3.39
N LEU A 9 2.30 -18.27 -4.03
CA LEU A 9 1.69 -18.51 -5.32
C LEU A 9 2.10 -17.35 -6.23
N HIS A 10 2.83 -17.67 -7.29
CA HIS A 10 3.37 -16.67 -8.23
C HIS A 10 2.28 -15.84 -8.93
N PRO A 11 2.61 -14.64 -9.44
CA PRO A 11 1.58 -13.85 -10.14
C PRO A 11 1.00 -14.63 -11.32
N GLY A 12 -0.32 -14.55 -11.50
CA GLY A 12 -1.02 -15.33 -12.51
C GLY A 12 -1.50 -16.71 -12.08
N ALA A 13 -1.04 -17.16 -10.90
CA ALA A 13 -1.41 -18.50 -10.38
C ALA A 13 -2.88 -18.59 -9.97
N GLY A 14 -3.59 -17.46 -9.97
CA GLY A 14 -5.02 -17.43 -9.66
C GLY A 14 -5.33 -17.50 -8.17
N LYS A 15 -4.56 -16.78 -7.35
CA LYS A 15 -4.79 -16.71 -5.90
C LYS A 15 -6.25 -16.41 -5.58
N THR A 16 -6.78 -15.41 -6.29
CA THR A 16 -8.14 -14.90 -6.07
C THR A 16 -9.20 -15.66 -6.87
N ARG A 17 -8.92 -15.94 -8.15
CA ARG A 17 -9.90 -16.57 -9.03
C ARG A 17 -10.12 -18.08 -8.84
N ARG A 18 -9.07 -18.80 -8.42
CA ARG A 18 -9.17 -20.25 -8.22
C ARG A 18 -8.89 -20.76 -6.79
N VAL A 19 -7.76 -20.34 -6.21
CA VAL A 19 -7.32 -20.83 -4.91
C VAL A 19 -8.22 -20.34 -3.77
N LEU A 20 -8.53 -19.06 -3.75
CA LEU A 20 -9.37 -18.52 -2.68
C LEU A 20 -10.72 -19.24 -2.52
N PRO A 21 -11.48 -19.45 -3.63
CA PRO A 21 -12.72 -20.25 -3.55
C PRO A 21 -12.55 -21.66 -2.99
N GLN A 22 -11.47 -22.35 -3.36
CA GLN A 22 -11.13 -23.64 -2.76
C GLN A 22 -11.01 -23.50 -1.24
N LEU A 23 -10.20 -22.53 -0.81
CA LEU A 23 -9.97 -22.29 0.61
C LEU A 23 -11.27 -21.99 1.32
N VAL A 24 -12.11 -21.18 0.70
CA VAL A 24 -13.37 -20.76 1.30
C VAL A 24 -14.32 -21.97 1.47
N ARG A 25 -14.43 -22.80 0.43
CA ARG A 25 -15.28 -24.00 0.46
C ARG A 25 -14.85 -24.95 1.57
N GLU A 26 -13.55 -25.17 1.69
CA GLU A 26 -12.99 -25.96 2.77
C GLU A 26 -13.35 -25.39 4.16
N ALA A 27 -13.19 -24.08 4.33
CA ALA A 27 -13.47 -23.42 5.62
C ALA A 27 -14.96 -23.43 5.96
N VAL A 28 -15.80 -23.25 4.94
CA VAL A 28 -17.24 -23.36 5.13
C VAL A 28 -17.64 -24.78 5.54
N LYS A 29 -17.16 -25.78 4.81
CA LYS A 29 -17.40 -27.19 5.15
C LYS A 29 -16.93 -27.56 6.56
N LYS A 30 -15.74 -27.08 6.93
CA LYS A 30 -15.18 -27.35 8.26
C LYS A 30 -15.82 -26.52 9.38
N ARG A 31 -16.80 -25.68 9.01
CA ARG A 31 -17.44 -24.75 9.96
C ARG A 31 -16.44 -23.88 10.74
N LEU A 32 -15.38 -23.43 10.05
CA LEU A 32 -14.40 -22.52 10.65
C LEU A 32 -14.90 -21.09 10.52
N ARG A 33 -14.83 -20.33 11.61
CA ARG A 33 -15.18 -18.91 11.61
C ARG A 33 -14.00 -18.13 10.98
N THR A 34 -14.27 -17.51 9.85
CA THR A 34 -13.20 -17.07 8.92
C THR A 34 -13.26 -15.59 8.53
N VAL A 35 -12.09 -14.96 8.48
CA VAL A 35 -11.97 -13.63 7.85
C VAL A 35 -10.99 -13.68 6.66
N ILE A 36 -11.38 -13.03 5.58
CA ILE A 36 -10.55 -12.86 4.39
C ILE A 36 -10.14 -11.38 4.35
N LEU A 37 -8.83 -11.16 4.25
CA LEU A 37 -8.30 -9.80 4.31
C LEU A 37 -7.70 -9.38 2.98
N ALA A 38 -8.36 -8.45 2.29
CA ALA A 38 -7.88 -7.85 1.02
C ALA A 38 -7.05 -6.57 1.26
N PRO A 39 -5.94 -6.37 0.51
CA PRO A 39 -5.11 -5.16 0.68
C PRO A 39 -5.84 -3.87 0.30
N THR A 40 -6.75 -3.94 -0.67
CA THR A 40 -7.40 -2.76 -1.22
C THR A 40 -8.86 -3.05 -1.58
N ARG A 41 -9.65 -1.97 -1.73
CA ARG A 41 -11.07 -2.07 -2.07
C ARG A 41 -11.30 -2.72 -3.42
N VAL A 42 -10.37 -2.50 -4.35
CA VAL A 42 -10.38 -3.06 -5.70
C VAL A 42 -10.19 -4.58 -5.66
N VAL A 43 -9.22 -5.04 -4.87
CA VAL A 43 -9.04 -6.47 -4.67
C VAL A 43 -10.32 -7.03 -4.04
N ALA A 44 -10.89 -6.29 -3.10
CA ALA A 44 -12.12 -6.69 -2.42
C ALA A 44 -13.25 -7.07 -3.39
N SER A 45 -13.54 -6.19 -4.32
CA SER A 45 -14.52 -6.45 -5.39
C SER A 45 -14.14 -7.62 -6.29
N GLU A 46 -12.86 -7.75 -6.62
CA GLU A 46 -12.39 -8.91 -7.39
C GLU A 46 -12.72 -10.21 -6.67
N MET A 47 -12.47 -10.22 -5.36
CA MET A 47 -12.72 -11.40 -4.53
C MET A 47 -14.20 -11.72 -4.51
N TYR A 48 -15.02 -10.68 -4.29
CA TYR A 48 -16.48 -10.81 -4.33
C TYR A 48 -16.94 -11.54 -5.60
N GLU A 49 -16.51 -11.04 -6.76
CA GLU A 49 -16.84 -11.67 -8.05
C GLU A 49 -16.45 -13.15 -8.08
N ALA A 50 -15.24 -13.45 -7.61
CA ALA A 50 -14.73 -14.82 -7.54
C ALA A 50 -15.49 -15.70 -6.55
N LEU A 51 -16.21 -15.07 -5.62
CA LEU A 51 -16.81 -15.79 -4.50
C LEU A 51 -18.34 -15.72 -4.43
N ARG A 52 -18.97 -15.35 -5.54
CA ARG A 52 -20.43 -15.32 -5.63
C ARG A 52 -21.04 -16.69 -5.37
N GLY A 53 -22.15 -16.71 -4.63
CA GLY A 53 -22.78 -17.94 -4.18
C GLY A 53 -22.35 -18.31 -2.78
N GLU A 54 -21.05 -18.20 -2.50
CA GLU A 54 -20.47 -18.47 -1.18
C GLU A 54 -21.09 -17.59 -0.08
N PRO A 55 -21.30 -18.16 1.12
CA PRO A 55 -21.93 -17.39 2.20
C PRO A 55 -20.94 -16.43 2.87
N ILE A 56 -20.71 -15.29 2.23
CA ILE A 56 -19.69 -14.35 2.67
C ILE A 56 -20.28 -13.02 3.13
N ARG A 57 -19.76 -12.53 4.24
CA ARG A 57 -20.14 -11.27 4.85
C ARG A 57 -19.15 -10.18 4.44
N TYR A 58 -19.58 -9.24 3.60
CA TYR A 58 -18.71 -8.19 3.04
C TYR A 58 -18.72 -6.89 3.84
N MET A 59 -17.53 -6.43 4.22
CA MET A 59 -17.36 -5.20 5.03
C MET A 59 -16.56 -4.15 4.28
N GLY A 69 -28.00 -13.82 4.45
CA GLY A 69 -28.20 -15.08 5.17
C GLY A 69 -27.60 -15.04 6.56
N ASN A 70 -26.80 -16.05 6.90
CA ASN A 70 -26.10 -16.09 8.20
C ASN A 70 -24.58 -15.84 8.08
N GLU A 71 -23.89 -16.73 7.38
CA GLU A 71 -22.41 -16.68 7.13
C GLU A 71 -21.44 -16.71 8.33
N ILE A 72 -20.47 -17.61 8.22
CA ILE A 72 -19.36 -17.71 9.18
C ILE A 72 -18.05 -17.12 8.62
N VAL A 73 -18.12 -16.58 7.40
CA VAL A 73 -16.92 -16.02 6.73
C VAL A 73 -17.06 -14.51 6.44
N ASP A 74 -16.17 -13.70 7.02
CA ASP A 74 -16.16 -12.26 6.81
C ASP A 74 -15.10 -11.86 5.81
N PHE A 75 -15.28 -10.71 5.20
CA PHE A 75 -14.31 -10.21 4.30
C PHE A 75 -14.18 -8.67 4.35
N MET A 76 -12.96 -8.17 4.56
CA MET A 76 -12.68 -6.72 4.68
C MET A 76 -11.25 -6.41 4.27
N CYS A 77 -10.89 -5.13 4.17
CA CYS A 77 -9.49 -4.73 3.84
C CYS A 77 -8.56 -4.85 5.07
N HIS A 78 -7.25 -4.92 4.84
CA HIS A 78 -6.25 -4.99 5.93
C HIS A 78 -6.40 -3.79 6.87
N SER A 79 -6.66 -2.62 6.28
CA SER A 79 -6.66 -1.37 7.02
C SER A 79 -7.92 -1.24 7.87
N THR A 80 -9.05 -1.72 7.34
CA THR A 80 -10.30 -1.83 8.10
C THR A 80 -10.17 -2.73 9.31
N PHE A 81 -9.61 -3.92 9.09
CA PHE A 81 -9.28 -4.87 10.14
C PHE A 81 -8.47 -4.24 11.26
N THR A 82 -7.32 -3.65 10.95
CA THR A 82 -6.49 -3.13 12.04
C THR A 82 -7.00 -1.84 12.68
N MET A 83 -7.76 -1.05 11.90
CA MET A 83 -8.45 0.11 12.44
C MET A 83 -9.56 -0.29 13.45
N LYS A 84 -10.33 -1.33 13.15
CA LYS A 84 -11.31 -1.85 14.10
C LYS A 84 -10.62 -2.24 15.40
N LEU A 85 -9.53 -3.00 15.27
CA LEU A 85 -8.69 -3.37 16.40
C LEU A 85 -8.17 -2.17 17.19
N LEU A 86 -7.74 -1.12 16.49
CA LEU A 86 -7.26 0.09 17.15
C LEU A 86 -8.39 0.80 17.89
N GLN A 87 -9.57 0.84 17.29
CA GLN A 87 -10.69 1.57 17.85
C GLN A 87 -11.38 0.80 18.99
N GLY A 88 -10.94 -0.44 19.20
CA GLY A 88 -11.47 -1.32 20.25
C GLY A 88 -12.90 -1.76 19.98
N VAL A 89 -13.31 -1.72 18.72
CA VAL A 89 -14.63 -2.22 18.37
C VAL A 89 -14.48 -3.72 18.24
N ARG A 90 -15.45 -4.46 18.76
CA ARG A 90 -15.19 -5.88 18.86
C ARG A 90 -14.97 -6.53 17.48
N VAL A 91 -13.99 -7.41 17.44
CA VAL A 91 -13.72 -8.17 16.24
C VAL A 91 -13.83 -9.64 16.63
N PRO A 92 -14.49 -10.44 15.78
CA PRO A 92 -14.67 -11.85 16.12
C PRO A 92 -13.35 -12.55 16.43
N ASN A 93 -13.42 -13.52 17.32
CA ASN A 93 -12.29 -14.36 17.62
C ASN A 93 -12.21 -15.46 16.55
N TYR A 94 -11.90 -15.08 15.31
CA TYR A 94 -11.95 -15.98 14.15
C TYR A 94 -11.11 -17.24 14.36
N ASN A 95 -11.57 -18.36 13.79
CA ASN A 95 -10.82 -19.62 13.80
C ASN A 95 -9.81 -19.63 12.67
N LEU A 96 -10.13 -18.92 11.60
CA LEU A 96 -9.28 -18.85 10.39
C LEU A 96 -9.12 -17.42 9.87
N TYR A 97 -7.87 -17.03 9.64
CA TYR A 97 -7.57 -15.72 9.02
C TYR A 97 -6.95 -16.03 7.67
N ILE A 98 -7.56 -15.53 6.59
CA ILE A 98 -6.90 -15.62 5.27
C ILE A 98 -6.44 -14.21 4.86
N MET A 99 -5.13 -13.98 4.82
CA MET A 99 -4.61 -12.71 4.32
C MET A 99 -4.06 -12.81 2.90
N ASP A 100 -4.69 -12.08 1.99
CA ASP A 100 -4.22 -11.89 0.60
C ASP A 100 -3.21 -10.77 0.48
N GLU A 101 -2.25 -10.93 -0.44
CA GLU A 101 -1.14 -9.98 -0.66
C GLU A 101 -0.42 -9.66 0.65
N ALA A 102 0.05 -10.72 1.31
CA ALA A 102 0.60 -10.66 2.67
C ALA A 102 2.02 -10.08 2.73
N HIS A 103 2.51 -9.56 1.60
CA HIS A 103 3.81 -8.87 1.53
C HIS A 103 3.62 -7.34 1.64
N PHE A 104 2.37 -6.89 1.54
CA PHE A 104 1.99 -5.46 1.52
C PHE A 104 2.63 -4.71 2.70
N LEU A 105 3.40 -3.66 2.41
CA LEU A 105 4.19 -2.98 3.46
C LEU A 105 3.48 -1.85 4.19
N ASP A 106 2.23 -1.59 3.81
CA ASP A 106 1.43 -0.61 4.49
C ASP A 106 1.43 -0.99 5.98
N PRO A 107 1.66 -0.01 6.88
CA PRO A 107 1.82 -0.38 8.30
C PRO A 107 0.59 -1.12 8.90
N ALA A 108 -0.62 -0.84 8.41
CA ALA A 108 -1.82 -1.55 8.79
C ALA A 108 -1.76 -3.04 8.39
N SER A 109 -1.11 -3.34 7.26
CA SER A 109 -0.92 -4.74 6.85
C SER A 109 0.13 -5.44 7.70
N VAL A 110 1.20 -4.71 8.00
CA VAL A 110 2.28 -5.24 8.82
C VAL A 110 1.78 -5.53 10.25
N ALA A 111 0.99 -4.61 10.81
CA ALA A 111 0.32 -4.81 12.11
C ALA A 111 -0.70 -5.98 12.11
N ALA A 112 -1.51 -6.10 11.07
CA ALA A 112 -2.44 -7.24 10.96
C ALA A 112 -1.71 -8.59 10.99
N ARG A 113 -0.62 -8.73 10.23
CA ARG A 113 0.26 -9.93 10.26
C ARG A 113 0.72 -10.32 11.65
N GLY A 114 1.27 -9.36 12.37
CA GLY A 114 1.72 -9.52 13.74
C GLY A 114 0.57 -9.92 14.65
N TYR A 115 -0.60 -9.29 14.48
CA TYR A 115 -1.78 -9.62 15.29
C TYR A 115 -2.25 -11.04 14.99
N ILE A 116 -2.29 -11.38 13.70
CA ILE A 116 -2.74 -12.69 13.27
C ILE A 116 -1.80 -13.81 13.76
N GLU A 117 -0.50 -13.65 13.58
CA GLU A 117 0.48 -14.61 14.10
C GLU A 117 0.35 -14.78 15.63
N THR A 118 -0.05 -13.72 16.33
CA THR A 118 -0.29 -13.80 17.77
C THR A 118 -1.47 -14.71 18.13
N ARG A 119 -2.62 -14.53 17.47
CA ARG A 119 -3.76 -15.39 17.71
C ARG A 119 -3.47 -16.86 17.34
N VAL A 120 -2.54 -17.06 16.42
CA VAL A 120 -2.08 -18.41 16.03
C VAL A 120 -1.15 -18.97 17.10
N SER A 121 -0.19 -18.17 17.56
CA SER A 121 0.75 -18.62 18.58
C SER A 121 0.06 -18.90 19.91
N MET A 122 -1.05 -18.20 20.17
CA MET A 122 -1.89 -18.37 21.35
C MET A 122 -2.86 -19.56 21.21
N GLY A 123 -2.86 -20.17 20.02
CA GLY A 123 -3.78 -21.27 19.71
C GLY A 123 -5.26 -20.94 19.47
N ASP A 124 -5.61 -19.66 19.25
CA ASP A 124 -7.00 -19.30 18.97
C ASP A 124 -7.42 -19.56 17.53
N ALA A 125 -6.45 -19.71 16.63
CA ALA A 125 -6.73 -19.71 15.19
C ALA A 125 -5.63 -20.31 14.34
N GLY A 126 -6.01 -20.64 13.10
CA GLY A 126 -5.03 -20.94 12.07
C GLY A 126 -5.06 -19.78 11.10
N ALA A 127 -4.01 -19.65 10.30
CA ALA A 127 -3.93 -18.56 9.33
C ALA A 127 -3.28 -19.00 8.04
N ILE A 128 -3.73 -18.38 6.95
CA ILE A 128 -3.13 -18.59 5.62
C ILE A 128 -2.76 -17.23 5.04
N PHE A 129 -1.48 -17.04 4.80
CA PHE A 129 -0.93 -15.85 4.15
C PHE A 129 -0.67 -16.17 2.70
N MET A 130 -1.30 -15.42 1.81
CA MET A 130 -1.09 -15.59 0.36
C MET A 130 -0.37 -14.41 -0.26
N THR A 131 0.65 -14.72 -1.06
CA THR A 131 1.39 -13.73 -1.83
C THR A 131 2.47 -14.40 -2.67
N ALA A 132 2.84 -13.76 -3.79
CA ALA A 132 3.91 -14.24 -4.66
C ALA A 132 5.27 -14.16 -3.97
N THR A 133 5.38 -13.24 -3.02
CA THR A 133 6.65 -12.89 -2.44
C THR A 133 6.55 -12.82 -0.91
N PRO A 134 6.58 -14.01 -0.23
CA PRO A 134 6.48 -14.04 1.23
C PRO A 134 7.51 -13.15 1.94
N PRO A 135 7.09 -12.43 3.00
CA PRO A 135 8.03 -11.74 3.89
C PRO A 135 9.20 -12.65 4.30
N GLY A 136 10.43 -12.16 4.09
CA GLY A 136 11.63 -12.95 4.39
C GLY A 136 12.25 -13.56 3.15
N THR A 137 11.50 -13.56 2.06
CA THR A 137 11.97 -14.08 0.78
C THR A 137 12.25 -12.91 -0.18
N THR A 138 13.02 -13.18 -1.24
CA THR A 138 13.68 -12.11 -1.97
C THR A 138 13.83 -12.31 -3.50
N GLU A 139 12.98 -13.13 -4.10
CA GLU A 139 13.07 -13.40 -5.54
C GLU A 139 12.37 -12.31 -6.40
N ALA A 140 13.16 -11.54 -7.14
CA ALA A 140 12.61 -10.49 -8.03
C ALA A 140 12.07 -11.04 -9.35
N PHE A 141 12.33 -12.32 -9.64
CA PHE A 141 11.92 -12.94 -10.91
C PHE A 141 11.18 -14.27 -10.69
N PRO A 142 10.01 -14.22 -10.03
CA PRO A 142 9.26 -15.44 -9.74
C PRO A 142 8.78 -16.14 -11.02
N PRO A 143 8.20 -17.35 -10.88
CA PRO A 143 7.62 -17.99 -12.05
C PRO A 143 6.46 -17.19 -12.61
N SER A 144 6.08 -17.54 -13.83
CA SER A 144 4.99 -16.90 -14.53
C SER A 144 4.32 -17.96 -15.39
N ASN A 145 3.08 -17.69 -15.81
CA ASN A 145 2.32 -18.62 -16.66
C ASN A 145 3.00 -18.86 -18.00
N SER A 146 3.66 -17.82 -18.52
CA SER A 146 4.40 -17.86 -19.77
C SER A 146 5.75 -17.22 -19.51
N PRO A 147 6.80 -17.71 -20.20
CA PRO A 147 8.14 -17.14 -20.05
C PRO A 147 8.16 -15.62 -20.31
N ILE A 148 8.96 -14.92 -19.52
CA ILE A 148 9.07 -13.48 -19.64
C ILE A 148 10.50 -13.18 -20.09
N ILE A 149 10.61 -12.34 -21.11
CA ILE A 149 11.92 -11.86 -21.53
C ILE A 149 12.32 -10.70 -20.64
N ASP A 150 13.37 -10.91 -19.85
CA ASP A 150 13.89 -9.91 -18.96
C ASP A 150 15.05 -9.19 -19.68
N GLU A 151 14.82 -7.90 -19.96
CA GLU A 151 15.69 -7.07 -20.80
C GLU A 151 16.18 -5.90 -19.95
N GLU A 152 17.38 -6.01 -19.38
CA GLU A 152 17.97 -4.89 -18.66
C GLU A 152 18.35 -3.80 -19.64
N THR A 153 17.90 -2.57 -19.37
CA THR A 153 17.97 -1.52 -20.35
C THR A 153 17.98 -0.10 -19.74
N ARG A 154 18.13 0.92 -20.57
CA ARG A 154 18.17 2.31 -20.08
C ARG A 154 16.79 2.89 -20.24
N ILE A 155 16.26 3.43 -19.14
CA ILE A 155 14.89 3.96 -19.12
C ILE A 155 14.92 5.45 -18.75
N PRO A 156 14.25 6.31 -19.55
CA PRO A 156 14.28 7.74 -19.19
C PRO A 156 13.52 8.05 -17.90
N ASP A 157 14.09 8.93 -17.09
CA ASP A 157 13.43 9.43 -15.88
C ASP A 157 12.69 10.73 -16.13
N LYS A 158 12.71 11.20 -17.38
CA LYS A 158 12.04 12.42 -17.79
C LYS A 158 11.78 12.47 -19.28
N ALA A 159 11.13 13.53 -19.75
CA ALA A 159 10.87 13.71 -21.17
C ALA A 159 12.16 13.57 -21.96
N TRP A 160 12.06 12.99 -23.15
CA TRP A 160 13.20 12.85 -24.07
C TRP A 160 12.78 13.33 -25.46
N ASN A 161 13.73 13.89 -26.20
CA ASN A 161 13.44 14.38 -27.54
C ASN A 161 13.98 13.42 -28.57
N SER A 162 15.01 12.67 -28.17
CA SER A 162 15.70 11.75 -29.05
C SER A 162 16.15 10.53 -28.25
N GLY A 163 16.49 9.47 -28.99
CA GLY A 163 16.95 8.22 -28.39
C GLY A 163 15.76 7.40 -27.89
N TYR A 164 16.06 6.29 -27.22
CA TYR A 164 15.02 5.44 -26.62
C TYR A 164 13.98 5.00 -27.63
N GLU A 165 14.42 4.69 -28.86
CA GLU A 165 13.45 4.24 -29.85
C GLU A 165 12.83 2.87 -29.57
N TRP A 166 13.50 2.04 -28.76
CA TRP A 166 12.90 0.76 -28.30
C TRP A 166 11.54 0.95 -27.57
N ILE A 167 11.38 2.10 -26.92
CA ILE A 167 10.13 2.46 -26.22
C ILE A 167 8.98 2.70 -27.20
N THR A 168 9.21 3.61 -28.16
CA THR A 168 8.15 4.05 -29.09
C THR A 168 7.98 3.17 -30.33
N GLU A 169 9.04 2.46 -30.72
CA GLU A 169 8.95 1.50 -31.83
C GLU A 169 8.55 0.15 -31.25
N PHE A 170 7.27 0.05 -30.89
CA PHE A 170 6.74 -1.13 -30.22
C PHE A 170 5.27 -1.22 -30.52
N ASP A 171 4.87 -2.32 -31.14
CA ASP A 171 3.50 -2.47 -31.63
C ASP A 171 2.47 -2.86 -30.55
N GLY A 172 2.96 -3.33 -29.41
CA GLY A 172 2.08 -3.78 -28.31
C GLY A 172 1.76 -2.76 -27.23
N ARG A 173 1.14 -3.27 -26.16
CA ARG A 173 0.70 -2.45 -25.02
C ARG A 173 1.71 -2.55 -23.88
N THR A 174 2.05 -1.40 -23.29
CA THR A 174 3.08 -1.31 -22.26
C THR A 174 2.49 -0.69 -20.99
N VAL A 175 2.87 -1.22 -19.82
CA VAL A 175 2.55 -0.67 -18.51
C VAL A 175 3.86 -0.17 -17.99
N TRP A 176 3.95 1.11 -17.66
CA TRP A 176 5.20 1.75 -17.27
C TRP A 176 5.01 2.23 -15.85
N PHE A 177 5.83 1.71 -14.95
CA PHE A 177 5.74 2.10 -13.54
C PHE A 177 6.60 3.31 -13.25
N VAL A 178 5.98 4.35 -12.69
CA VAL A 178 6.71 5.55 -12.28
C VAL A 178 6.76 5.70 -10.76
N HIS A 179 7.68 6.53 -10.27
CA HIS A 179 7.88 6.68 -8.85
C HIS A 179 6.98 7.75 -8.19
N SER A 180 6.18 8.43 -9.00
CA SER A 180 5.37 9.55 -8.55
C SER A 180 4.40 9.98 -9.64
N ILE A 181 3.31 10.63 -9.24
CA ILE A 181 2.31 11.14 -10.16
C ILE A 181 2.97 12.15 -11.11
N LYS A 182 3.81 13.01 -10.53
CA LYS A 182 4.59 14.03 -11.23
C LYS A 182 5.46 13.45 -12.35
N GLN A 183 6.28 12.44 -12.03
CA GLN A 183 7.06 11.75 -13.05
C GLN A 183 6.16 11.16 -14.15
N GLY A 184 5.04 10.55 -13.75
CA GLY A 184 4.08 10.01 -14.71
C GLY A 184 3.54 11.01 -15.70
N ALA A 185 3.31 12.25 -15.24
CA ALA A 185 2.76 13.32 -16.09
C ALA A 185 3.76 13.72 -17.17
N GLU A 186 5.00 13.90 -16.77
CA GLU A 186 6.06 14.28 -17.69
C GLU A 186 6.39 13.19 -18.71
N ILE A 187 6.41 11.93 -18.28
CA ILE A 187 6.62 10.80 -19.19
C ILE A 187 5.41 10.59 -20.10
N GLY A 188 4.22 10.60 -19.51
CA GLY A 188 3.02 10.34 -20.28
C GLY A 188 2.85 11.39 -21.39
N THR A 189 3.16 12.64 -21.07
CA THR A 189 3.00 13.76 -21.98
C THR A 189 3.97 13.64 -23.16
N CYS A 190 5.19 13.20 -22.88
CA CYS A 190 6.17 12.93 -23.89
C CYS A 190 5.69 11.83 -24.83
N LEU A 191 5.08 10.79 -24.25
CA LEU A 191 4.55 9.71 -25.05
C LEU A 191 3.36 10.17 -25.91
N GLN A 192 2.49 11.04 -25.36
CA GLN A 192 1.35 11.57 -26.12
C GLN A 192 1.79 12.49 -27.26
N LYS A 193 2.83 13.28 -27.01
CA LYS A 193 3.45 14.09 -28.05
C LYS A 193 4.02 13.21 -29.16
N ALA A 194 4.43 11.99 -28.82
CA ALA A 194 4.90 11.01 -29.84
C ALA A 194 3.79 10.21 -30.51
N GLY A 195 2.54 10.63 -30.31
CA GLY A 195 1.38 9.99 -30.95
C GLY A 195 0.81 8.76 -30.25
N LYS A 196 1.29 8.48 -29.03
CA LYS A 196 0.84 7.31 -28.28
C LYS A 196 -0.40 7.64 -27.45
N LYS A 197 -1.29 6.66 -27.32
CA LYS A 197 -2.47 6.82 -26.46
C LYS A 197 -2.11 6.32 -25.08
N VAL A 198 -2.18 7.22 -24.10
CA VAL A 198 -1.80 6.87 -22.72
C VAL A 198 -2.96 6.98 -21.73
N LEU A 199 -2.99 6.03 -20.79
CA LEU A 199 -3.88 6.06 -19.64
C LEU A 199 -3.03 6.22 -18.41
N TYR A 200 -3.45 7.12 -17.52
CA TYR A 200 -2.72 7.44 -16.30
C TYR A 200 -3.42 6.79 -15.11
N LEU A 201 -2.66 6.01 -14.34
CA LEU A 201 -3.21 5.31 -13.17
C LEU A 201 -2.48 5.69 -11.91
N ASN A 202 -3.25 6.29 -11.01
CA ASN A 202 -2.80 6.66 -9.68
C ASN A 202 -4.04 6.52 -8.76
N ARG A 203 -3.94 6.87 -7.49
CA ARG A 203 -5.09 6.69 -6.58
C ARG A 203 -6.25 7.67 -6.82
N LYS A 204 -5.97 8.83 -7.40
CA LYS A 204 -7.02 9.77 -7.84
C LYS A 204 -7.81 9.21 -9.02
N THR A 205 -7.08 8.68 -9.98
CA THR A 205 -7.60 8.43 -11.31
C THR A 205 -8.08 6.98 -11.54
N PHE A 206 -7.76 6.08 -10.60
CA PHE A 206 -7.89 4.64 -10.81
C PHE A 206 -9.30 4.12 -11.13
N GLU A 207 -10.27 4.43 -10.26
CA GLU A 207 -11.63 3.88 -10.41
C GLU A 207 -12.29 4.25 -11.75
N SER A 208 -12.00 5.43 -12.28
CA SER A 208 -12.49 5.81 -13.60
C SER A 208 -11.59 5.36 -14.79
N GLU A 209 -10.27 5.47 -14.63
CA GLU A 209 -9.36 5.18 -15.75
C GLU A 209 -9.01 3.71 -15.92
N TYR A 210 -8.99 2.95 -14.83
CA TYR A 210 -8.66 1.52 -14.91
C TYR A 210 -9.61 0.68 -15.80
N PRO A 211 -10.95 0.84 -15.64
CA PRO A 211 -11.87 0.22 -16.60
C PRO A 211 -11.54 0.53 -18.06
N LYS A 212 -11.05 1.74 -18.34
CA LYS A 212 -10.70 2.13 -19.70
C LYS A 212 -9.61 1.26 -20.33
N CYS A 213 -8.84 0.55 -19.51
CA CYS A 213 -7.87 -0.41 -20.01
C CYS A 213 -8.52 -1.59 -20.76
N LYS A 214 -9.82 -1.79 -20.51
CA LYS A 214 -10.62 -2.80 -21.21
C LYS A 214 -11.53 -2.22 -22.29
N SER A 215 -12.12 -1.06 -22.02
CA SER A 215 -13.12 -0.44 -22.89
C SER A 215 -12.51 0.46 -23.96
N GLU A 216 -11.23 0.80 -23.81
CA GLU A 216 -10.56 1.68 -24.76
C GLU A 216 -9.33 1.02 -25.38
N LYS A 217 -8.90 1.53 -26.53
CA LYS A 217 -7.60 1.16 -27.08
C LYS A 217 -6.55 2.05 -26.43
N TRP A 218 -5.40 1.49 -26.10
CA TRP A 218 -4.32 2.25 -25.50
C TRP A 218 -2.98 1.64 -25.84
N ASP A 219 -1.94 2.47 -25.84
CA ASP A 219 -0.59 2.01 -26.08
C ASP A 219 0.22 1.90 -24.79
N PHE A 220 0.05 2.87 -23.90
CA PHE A 220 0.77 2.88 -22.63
C PHE A 220 -0.18 3.07 -21.47
N VAL A 221 0.11 2.38 -20.36
CA VAL A 221 -0.48 2.75 -19.08
C VAL A 221 0.68 3.26 -18.26
N ILE A 222 0.56 4.50 -17.81
CA ILE A 222 1.54 5.10 -16.93
C ILE A 222 1.00 5.03 -15.49
N THR A 223 1.61 4.19 -14.65
CA THR A 223 1.07 3.92 -13.29
C THR A 223 2.07 4.19 -12.19
N THR A 224 1.57 4.64 -11.06
CA THR A 224 2.32 4.56 -9.80
C THR A 224 2.23 3.13 -9.28
N ASP A 225 2.78 2.90 -8.10
CA ASP A 225 2.73 1.59 -7.46
C ASP A 225 1.34 1.09 -7.06
N ILE A 226 0.31 1.90 -7.30
CA ILE A 226 -1.08 1.44 -7.15
C ILE A 226 -1.42 0.17 -7.99
N SER A 227 -0.73 -0.01 -9.13
CA SER A 227 -1.00 -1.18 -9.99
C SER A 227 -0.15 -2.42 -9.68
N GLU A 228 0.67 -2.35 -8.63
CA GLU A 228 1.45 -3.49 -8.20
C GLU A 228 0.59 -4.63 -7.69
N MET A 229 -0.62 -4.35 -7.20
CA MET A 229 -1.43 -5.50 -6.75
C MET A 229 -2.84 -5.53 -7.26
N GLY A 230 -3.48 -4.37 -7.39
CA GLY A 230 -4.91 -4.36 -7.67
C GLY A 230 -5.33 -4.51 -9.13
N ALA A 231 -4.36 -4.73 -10.02
CA ALA A 231 -4.61 -4.49 -11.43
C ALA A 231 -4.13 -5.61 -12.36
N ASN A 232 -5.03 -6.05 -13.25
CA ASN A 232 -4.75 -7.00 -14.31
C ASN A 232 -4.85 -6.32 -15.67
N PHE A 233 -3.78 -6.39 -16.45
CA PHE A 233 -3.79 -5.81 -17.77
C PHE A 233 -3.63 -6.94 -18.78
N LYS A 234 -4.11 -6.75 -19.99
CA LYS A 234 -3.68 -7.64 -21.07
C LYS A 234 -2.66 -6.85 -21.88
N ALA A 235 -1.41 -7.01 -21.47
CA ALA A 235 -0.32 -6.18 -21.96
C ALA A 235 0.82 -7.06 -22.43
N ASP A 236 1.73 -6.45 -23.17
CA ASP A 236 2.83 -7.14 -23.83
C ASP A 236 4.17 -6.83 -23.17
N ARG A 237 4.21 -5.71 -22.45
CA ARG A 237 5.47 -5.25 -21.90
C ARG A 237 5.21 -4.44 -20.63
N VAL A 238 6.14 -4.57 -19.69
CA VAL A 238 6.24 -3.69 -18.56
C VAL A 238 7.59 -2.99 -18.67
N ILE A 239 7.56 -1.68 -18.47
CA ILE A 239 8.77 -0.89 -18.29
C ILE A 239 8.87 -0.52 -16.80
N ASP A 240 10.03 -0.80 -16.21
CA ASP A 240 10.18 -0.63 -14.77
C ASP A 240 11.56 -0.15 -14.40
N PRO A 241 11.71 1.18 -14.17
CA PRO A 241 12.95 1.74 -13.64
C PRO A 241 13.22 1.38 -12.17
N ARG A 242 12.30 0.64 -11.54
CA ARG A 242 12.53 0.11 -10.18
C ARG A 242 12.83 1.20 -9.17
N LYS A 243 12.13 2.33 -9.29
CA LYS A 243 12.35 3.43 -8.37
C LYS A 243 11.08 3.73 -7.58
N THR A 244 11.30 4.17 -6.35
CA THR A 244 10.23 4.68 -5.49
C THR A 244 10.71 5.93 -4.72
N ILE A 245 9.78 6.61 -4.07
CA ILE A 245 10.13 7.61 -3.08
C ILE A 245 9.50 7.13 -1.77
N LYS A 246 10.31 7.01 -0.73
CA LYS A 246 9.78 6.46 0.53
C LYS A 246 9.94 7.38 1.72
N PRO A 247 8.99 7.33 2.66
CA PRO A 247 9.16 8.16 3.84
C PRO A 247 10.13 7.55 4.85
N ILE A 248 11.17 8.31 5.16
CA ILE A 248 12.23 7.90 6.05
C ILE A 248 12.18 8.72 7.35
N LEU A 249 12.29 8.01 8.46
CA LEU A 249 12.34 8.62 9.77
C LEU A 249 13.79 8.95 10.10
N LEU A 250 14.07 10.22 10.37
CA LEU A 250 15.44 10.70 10.65
C LEU A 250 15.39 11.90 11.57
N ASP A 251 16.08 11.83 12.70
CA ASP A 251 16.19 12.97 13.61
C ASP A 251 14.82 13.56 13.98
N GLY A 252 13.89 12.67 14.33
CA GLY A 252 12.54 13.02 14.76
C GLY A 252 11.68 13.70 13.71
N ARG A 253 11.94 13.42 12.44
CA ARG A 253 11.05 13.85 11.38
C ARG A 253 11.04 12.88 10.22
N VAL A 254 9.97 12.93 9.45
CA VAL A 254 9.85 12.08 8.28
C VAL A 254 10.19 12.87 7.01
N SER A 255 11.15 12.40 6.23
CA SER A 255 11.40 13.01 4.94
C SER A 255 11.28 12.01 3.79
N MET A 256 10.79 12.49 2.65
CA MET A 256 10.72 11.70 1.43
C MET A 256 12.10 11.57 0.84
N GLN A 257 12.54 10.33 0.65
CA GLN A 257 13.83 10.11 0.06
C GLN A 257 13.66 9.29 -1.19
N GLY A 258 14.22 9.79 -2.29
CA GLY A 258 14.19 9.08 -3.54
C GLY A 258 14.61 9.96 -4.69
N PRO A 259 14.62 9.40 -5.92
CA PRO A 259 14.28 7.99 -6.21
C PRO A 259 15.28 6.98 -5.62
N ILE A 260 14.76 5.94 -4.97
CA ILE A 260 15.58 4.88 -4.39
C ILE A 260 15.06 3.56 -4.96
N ALA A 261 15.89 2.51 -4.89
CA ALA A 261 15.51 1.18 -5.38
C ALA A 261 14.28 0.64 -4.67
N ILE A 262 13.40 -0.03 -5.41
CA ILE A 262 12.22 -0.71 -4.86
C ILE A 262 12.63 -2.08 -4.27
N THR A 263 11.70 -2.72 -3.57
CA THR A 263 11.95 -4.06 -3.01
C THR A 263 11.84 -5.15 -4.09
N PRO A 264 12.51 -6.30 -3.89
CA PRO A 264 12.25 -7.50 -4.69
C PRO A 264 10.78 -7.83 -4.84
N ALA A 265 10.00 -7.78 -3.75
CA ALA A 265 8.56 -8.00 -3.80
C ALA A 265 7.84 -7.07 -4.78
N SER A 266 8.13 -5.77 -4.69
CA SER A 266 7.51 -4.81 -5.58
C SER A 266 7.93 -5.04 -7.04
N ALA A 267 9.21 -5.27 -7.27
CA ALA A 267 9.74 -5.54 -8.62
C ALA A 267 9.09 -6.76 -9.26
N ALA A 268 8.95 -7.83 -8.45
CA ALA A 268 8.20 -9.06 -8.81
C ALA A 268 6.75 -8.80 -9.14
N GLN A 269 6.11 -7.93 -8.35
CA GLN A 269 4.73 -7.56 -8.61
C GLN A 269 4.60 -6.82 -9.94
N ARG A 270 5.55 -5.91 -10.17
CA ARG A 270 5.57 -5.08 -11.40
C ARG A 270 5.74 -5.94 -12.65
N ARG A 271 6.81 -6.74 -12.67
CA ARG A 271 7.09 -7.71 -13.73
C ARG A 271 5.91 -8.67 -13.88
N GLY A 272 5.32 -9.04 -12.75
CA GLY A 272 4.21 -10.00 -12.71
C GLY A 272 2.95 -9.55 -13.42
N ARG A 273 2.92 -8.29 -13.87
CA ARG A 273 1.80 -7.81 -14.68
C ARG A 273 1.77 -8.48 -16.07
N ILE A 274 2.93 -8.93 -16.55
CA ILE A 274 2.99 -9.64 -17.83
C ILE A 274 3.50 -11.09 -17.70
N GLY A 275 3.58 -11.81 -18.82
CA GLY A 275 3.90 -13.22 -18.81
C GLY A 275 2.78 -14.04 -18.18
N ARG A 276 1.54 -13.60 -18.34
CA ARG A 276 0.45 -14.31 -17.69
C ARG A 276 -0.48 -15.10 -18.59
N ASN A 277 -0.27 -15.07 -19.90
CA ASN A 277 -1.02 -15.93 -20.81
C ASN A 277 -0.11 -17.06 -21.31
N PRO A 278 -0.34 -18.31 -20.84
CA PRO A 278 0.43 -19.52 -21.22
C PRO A 278 0.65 -19.70 -22.73
N GLU A 279 -0.31 -19.23 -23.53
CA GLU A 279 -0.28 -19.41 -24.98
C GLU A 279 0.37 -18.24 -25.70
N LYS A 280 0.78 -17.23 -24.94
CA LYS A 280 1.41 -16.03 -25.49
C LYS A 280 2.84 -15.90 -25.00
N LEU A 281 3.81 -16.09 -25.90
CA LEU A 281 5.24 -15.99 -25.58
C LEU A 281 5.97 -14.62 -25.70
N GLY A 282 5.53 -13.69 -26.51
CA GLY A 282 6.42 -12.47 -26.60
C GLY A 282 6.69 -11.50 -25.43
N ASP A 283 6.15 -11.74 -24.22
CA ASP A 283 6.12 -10.69 -23.15
C ASP A 283 7.48 -10.23 -22.61
N ILE A 284 7.66 -8.90 -22.50
CA ILE A 284 8.93 -8.33 -22.05
C ILE A 284 8.83 -7.60 -20.72
N TYR A 285 9.83 -7.77 -19.88
CA TYR A 285 10.04 -6.95 -18.71
C TYR A 285 11.32 -6.12 -18.95
N ALA A 286 11.13 -4.87 -19.38
CA ALA A 286 12.25 -3.96 -19.62
C ALA A 286 12.56 -3.17 -18.35
N TYR A 287 13.70 -3.42 -17.74
CA TYR A 287 13.98 -2.88 -16.43
C TYR A 287 15.37 -2.26 -16.29
N SER A 288 15.54 -1.41 -15.29
CA SER A 288 16.87 -0.96 -14.95
C SER A 288 16.98 -0.88 -13.44
N GLY A 289 18.22 -0.94 -12.96
CA GLY A 289 18.50 -0.73 -11.54
C GLY A 289 18.37 -1.97 -10.70
N ASN A 290 18.84 -1.84 -9.47
CA ASN A 290 18.84 -2.92 -8.47
C ASN A 290 17.56 -2.97 -7.67
N VAL A 291 17.35 -4.07 -6.97
CA VAL A 291 16.34 -4.17 -5.92
C VAL A 291 17.04 -4.12 -4.56
N SER A 292 16.30 -3.74 -3.51
CA SER A 292 16.90 -3.56 -2.19
C SER A 292 15.95 -3.94 -1.07
N SER A 293 16.45 -4.71 -0.11
CA SER A 293 15.70 -5.04 1.12
C SER A 293 16.16 -4.19 2.30
N ASP A 294 17.07 -3.25 2.03
CA ASP A 294 17.56 -2.33 3.05
C ASP A 294 16.54 -1.22 3.30
N ASN A 295 15.50 -1.53 4.05
CA ASN A 295 14.41 -0.57 4.27
C ASN A 295 14.00 -0.36 5.75
N GLU A 296 14.96 -0.54 6.65
CA GLU A 296 14.74 -0.39 8.08
C GLU A 296 14.53 1.08 8.49
N GLY A 297 15.10 1.99 7.70
CA GLY A 297 14.92 3.43 7.92
C GLY A 297 13.54 3.96 7.58
N HIS A 298 12.77 3.18 6.81
CA HIS A 298 11.41 3.56 6.40
C HIS A 298 10.54 3.67 7.65
N VAL A 299 9.81 4.79 7.82
CA VAL A 299 8.93 4.93 8.97
C VAL A 299 7.92 3.81 9.08
N SER A 300 7.67 3.14 7.96
CA SER A 300 6.61 2.16 7.85
C SER A 300 6.60 1.16 9.01
N TRP A 301 7.79 0.71 9.38
CA TRP A 301 7.99 -0.29 10.42
C TRP A 301 7.69 0.28 11.81
N THR A 302 8.10 1.53 12.02
CA THR A 302 7.81 2.25 13.26
C THR A 302 6.30 2.42 13.38
N GLU A 303 5.67 2.85 12.30
CA GLU A 303 4.23 2.96 12.24
C GLU A 303 3.48 1.64 12.54
N ALA A 304 4.00 0.50 12.07
CA ALA A 304 3.39 -0.82 12.40
C ALA A 304 3.31 -1.06 13.90
N ARG A 305 4.39 -0.71 14.59
CA ARG A 305 4.55 -0.83 16.05
C ARG A 305 3.65 0.13 16.79
N MET A 306 3.52 1.35 16.24
CA MET A 306 2.59 2.33 16.77
C MET A 306 1.17 1.80 16.72
N LEU A 307 0.84 1.12 15.62
CA LEU A 307 -0.46 0.47 15.49
C LEU A 307 -0.60 -0.71 16.49
N LEU A 308 0.31 -1.64 16.40
CA LEU A 308 0.29 -2.84 17.22
C LEU A 308 0.40 -2.63 18.72
N ASP A 309 1.18 -1.63 19.14
CA ASP A 309 1.22 -1.28 20.55
C ASP A 309 -0.12 -0.80 21.07
N ASN A 310 -1.03 -0.45 20.16
CA ASN A 310 -2.32 0.10 20.60
C ASN A 310 -3.51 -0.81 20.27
N VAL A 311 -3.23 -2.09 20.08
CA VAL A 311 -4.26 -3.07 19.80
C VAL A 311 -4.37 -4.00 21.01
N HIS A 312 -5.58 -4.12 21.56
CA HIS A 312 -5.79 -5.05 22.68
C HIS A 312 -5.88 -6.49 22.18
N VAL A 313 -5.24 -7.42 22.87
CA VAL A 313 -5.41 -8.85 22.55
C VAL A 313 -5.98 -9.67 23.74
N GLN A 314 -7.26 -10.03 23.65
CA GLN A 314 -7.97 -10.75 24.73
C GLN A 314 -7.24 -12.03 25.13
N GLY A 315 -6.88 -12.13 26.42
CA GLY A 315 -6.21 -13.33 26.95
C GLY A 315 -4.74 -13.43 26.55
N GLY A 316 -4.22 -12.34 26.00
CA GLY A 316 -2.85 -12.32 25.49
C GLY A 316 -2.19 -10.99 25.74
N VAL A 317 -0.97 -10.87 25.22
CA VAL A 317 -0.15 -9.69 25.42
C VAL A 317 0.22 -9.05 24.06
N VAL A 318 0.72 -7.81 24.09
CA VAL A 318 1.17 -7.08 22.90
C VAL A 318 1.67 -7.99 21.79
N ALA A 319 1.00 -7.94 20.65
CA ALA A 319 1.44 -8.68 19.49
C ALA A 319 2.81 -8.18 19.03
N GLN A 320 3.73 -9.11 18.81
CA GLN A 320 4.97 -8.79 18.14
C GLN A 320 4.66 -8.75 16.64
N LEU A 321 5.55 -8.16 15.86
CA LEU A 321 5.43 -8.22 14.41
C LEU A 321 5.53 -9.67 13.97
N TYR A 322 5.04 -9.94 12.77
CA TYR A 322 5.22 -11.21 12.11
C TYR A 322 6.71 -11.57 12.13
N THR A 323 7.01 -12.84 12.39
CA THR A 323 8.39 -13.28 12.65
C THR A 323 9.47 -12.75 11.67
N PRO A 324 9.34 -13.03 10.35
CA PRO A 324 10.41 -12.58 9.43
C PRO A 324 10.53 -11.06 9.28
N GLU A 325 9.59 -10.32 9.88
CA GLU A 325 9.57 -8.85 9.86
C GLU A 325 10.00 -8.19 11.17
N ARG A 326 10.33 -9.00 12.18
CA ARG A 326 10.74 -8.48 13.50
C ARG A 326 12.10 -7.80 13.43
N GLU A 327 12.93 -8.25 12.49
CA GLU A 327 14.24 -7.69 12.19
C GLU A 327 14.18 -6.23 11.74
N LYS A 328 12.98 -5.74 11.41
CA LYS A 328 12.81 -4.43 10.81
C LYS A 328 12.74 -3.30 11.83
N THR A 329 12.39 -3.65 13.07
CA THR A 329 12.31 -2.66 14.14
C THR A 329 13.17 -3.01 15.35
N GLU A 330 13.56 -1.98 16.11
CA GLU A 330 14.28 -2.15 17.37
C GLU A 330 13.47 -1.59 18.55
N ALA A 331 12.19 -1.32 18.33
CA ALA A 331 11.30 -0.83 19.40
C ALA A 331 11.06 -1.90 20.46
N TYR A 332 10.95 -1.48 21.72
CA TYR A 332 10.62 -2.39 22.83
C TYR A 332 9.10 -2.55 22.98
N GLU A 333 8.67 -3.70 23.51
CA GLU A 333 7.24 -3.98 23.78
C GLU A 333 6.58 -2.82 24.54
N GLY A 334 5.50 -2.28 23.97
CA GLY A 334 4.69 -1.24 24.62
C GLY A 334 5.16 0.20 24.50
N GLU A 335 6.29 0.39 23.85
CA GLU A 335 6.85 1.73 23.62
C GLU A 335 5.80 2.76 23.13
N PHE A 336 4.94 2.36 22.20
CA PHE A 336 4.06 3.30 21.55
C PHE A 336 2.63 3.24 22.11
N LYS A 337 2.46 2.51 23.23
CA LYS A 337 1.12 2.36 23.81
C LYS A 337 0.62 3.72 24.27
N LEU A 338 -0.61 4.02 23.92
CA LEU A 338 -1.24 5.26 24.37
C LEU A 338 -2.35 4.97 25.36
N LYS A 339 -2.73 5.99 26.12
CA LYS A 339 -3.86 5.94 27.04
C LYS A 339 -5.13 6.02 26.22
N THR A 340 -6.26 5.69 26.84
CA THR A 340 -7.56 5.57 26.18
C THR A 340 -7.90 6.77 25.30
N ASN A 341 -7.70 7.97 25.83
CA ASN A 341 -8.11 9.14 25.11
C ASN A 341 -7.14 9.57 24.02
N GLN A 342 -5.85 9.44 24.31
CA GLN A 342 -4.83 9.68 23.29
C GLN A 342 -5.00 8.71 22.12
N ARG A 343 -5.38 7.47 22.44
CA ARG A 343 -5.59 6.43 21.43
C ARG A 343 -6.75 6.78 20.50
N LYS A 344 -7.86 7.28 21.05
CA LYS A 344 -9.00 7.73 20.26
C LYS A 344 -8.58 8.83 19.30
N VAL A 345 -7.83 9.81 19.81
CA VAL A 345 -7.30 10.91 18.99
C VAL A 345 -6.43 10.35 17.87
N PHE A 346 -5.44 9.54 18.22
CA PHE A 346 -4.55 8.84 17.30
C PHE A 346 -5.31 8.08 16.19
N SER A 347 -6.23 7.23 16.60
CA SER A 347 -7.03 6.46 15.63
C SER A 347 -7.84 7.36 14.67
N GLU A 348 -8.39 8.46 15.17
CA GLU A 348 -9.19 9.37 14.29
C GLU A 348 -8.35 10.33 13.43
N LEU A 349 -7.19 10.76 13.94
CA LEU A 349 -6.22 11.48 13.10
C LEU A 349 -5.85 10.68 11.85
N ILE A 350 -5.67 9.37 12.02
CA ILE A 350 -5.46 8.47 10.89
C ILE A 350 -6.75 8.27 10.06
N ARG A 351 -7.80 7.81 10.72
CA ARG A 351 -9.03 7.28 10.06
C ARG A 351 -9.80 8.38 9.34
N THR A 352 -10.06 9.47 10.06
CA THR A 352 -10.81 10.59 9.52
C THR A 352 -9.90 11.75 9.05
N GLY A 353 -8.87 12.06 9.85
CA GLY A 353 -7.90 13.09 9.50
C GLY A 353 -7.07 12.76 8.28
N ASP A 354 -6.92 11.48 7.96
CA ASP A 354 -6.07 11.03 6.84
C ASP A 354 -4.57 11.36 7.04
N LEU A 355 -4.16 11.52 8.31
CA LEU A 355 -2.77 11.77 8.63
C LEU A 355 -1.99 10.49 8.58
N PRO A 356 -0.73 10.56 8.12
CA PRO A 356 0.14 9.41 8.20
C PRO A 356 0.24 8.96 9.68
N VAL A 357 0.43 7.67 9.91
CA VAL A 357 0.47 7.09 11.26
C VAL A 357 1.50 7.79 12.18
N TRP A 358 2.71 8.03 11.70
CA TRP A 358 3.77 8.63 12.57
C TRP A 358 3.35 10.01 13.01
N LEU A 359 2.75 10.77 12.08
CA LEU A 359 2.32 12.12 12.37
C LEU A 359 1.14 12.15 13.34
N ALA A 360 0.15 11.31 13.08
CA ALA A 360 -0.97 11.11 14.03
C ALA A 360 -0.43 10.81 15.44
N PHE A 361 0.57 9.94 15.52
CA PHE A 361 1.17 9.57 16.81
C PHE A 361 1.79 10.75 17.58
N GLN A 362 2.51 11.62 16.87
CA GLN A 362 3.14 12.81 17.47
C GLN A 362 2.11 13.71 18.08
N VAL A 363 1.02 13.95 17.34
CA VAL A 363 -0.04 14.83 17.77
C VAL A 363 -0.77 14.28 19.01
N ALA A 364 -1.14 13.00 18.94
CA ALA A 364 -1.91 12.35 20.00
C ALA A 364 -1.09 12.22 21.28
N SER A 365 0.16 11.77 21.17
CA SER A 365 1.01 11.61 22.33
C SER A 365 1.41 12.95 22.98
N ALA A 366 1.29 14.06 22.23
CA ALA A 366 1.41 15.40 22.80
C ALA A 366 0.15 15.92 23.49
N ASN A 367 -0.87 15.08 23.63
CA ASN A 367 -2.11 15.42 24.29
C ASN A 367 -2.94 16.46 23.56
N VAL A 368 -2.66 16.62 22.26
CA VAL A 368 -3.46 17.53 21.44
C VAL A 368 -4.82 16.88 21.20
N GLU A 369 -5.89 17.66 21.28
CA GLU A 369 -7.24 17.17 21.04
C GLU A 369 -7.47 17.11 19.54
N TYR A 370 -8.34 16.22 19.10
CA TYR A 370 -8.55 16.02 17.68
C TYR A 370 -8.95 17.27 16.89
N HIS A 371 -9.83 18.10 17.46
CA HIS A 371 -10.35 19.30 16.81
C HIS A 371 -9.39 20.51 16.83
N ASP A 372 -8.29 20.40 17.56
CA ASP A 372 -7.38 21.52 17.78
C ASP A 372 -6.25 21.47 16.75
N ARG A 373 -6.39 22.29 15.71
CA ARG A 373 -5.49 22.31 14.55
C ARG A 373 -4.33 23.32 14.65
N LYS A 374 -4.20 23.98 15.80
CA LYS A 374 -3.17 25.02 15.91
C LYS A 374 -1.75 24.50 15.68
N TRP A 375 -1.50 23.24 16.00
CA TRP A 375 -0.21 22.58 15.75
C TRP A 375 0.18 22.59 14.26
N CYS A 376 -0.78 22.81 13.36
CA CYS A 376 -0.48 22.80 11.92
C CYS A 376 0.18 24.09 11.47
N PHE A 377 0.24 25.07 12.36
CA PHE A 377 0.71 26.43 12.05
C PHE A 377 1.79 26.98 12.97
N ASP A 378 1.93 26.42 14.17
CA ASP A 378 2.75 27.07 15.21
C ASP A 378 4.09 26.42 15.48
N GLY A 379 4.57 25.60 14.55
CA GLY A 379 5.90 25.02 14.66
C GLY A 379 7.00 26.06 14.39
N PRO A 380 8.26 25.61 14.47
CA PRO A 380 9.42 26.46 14.19
C PRO A 380 9.53 26.77 12.70
N ASN A 381 10.24 27.86 12.37
CA ASN A 381 10.36 28.30 10.97
C ASN A 381 10.97 27.22 10.09
N GLU A 382 11.84 26.38 10.66
CA GLU A 382 12.44 25.26 9.93
C GLU A 382 11.40 24.22 9.43
N HIS A 383 10.17 24.33 9.92
CA HIS A 383 9.06 23.43 9.53
C HIS A 383 8.11 24.08 8.54
N LEU A 384 8.48 25.26 8.03
CA LEU A 384 7.72 25.94 6.98
C LEU A 384 7.60 24.97 5.84
N LEU A 385 6.38 24.64 5.45
CA LEU A 385 6.20 23.71 4.34
C LEU A 385 6.36 24.46 3.02
N LEU A 386 6.94 23.77 2.04
CA LEU A 386 7.10 24.34 0.70
C LEU A 386 6.51 23.44 -0.38
N GLU A 387 5.91 24.08 -1.39
CA GLU A 387 5.44 23.41 -2.59
C GLU A 387 5.78 24.34 -3.77
N ASN A 388 6.29 23.76 -4.86
CA ASN A 388 6.80 24.57 -5.98
C ASN A 388 7.63 25.75 -5.43
N ASN A 389 8.46 25.42 -4.44
CA ASN A 389 9.38 26.36 -3.76
C ASN A 389 8.74 27.51 -2.98
N GLN A 390 7.42 27.45 -2.80
CA GLN A 390 6.69 28.49 -2.10
C GLN A 390 5.88 27.95 -0.92
N GLU A 391 5.74 28.79 0.10
CA GLU A 391 4.90 28.53 1.26
C GLU A 391 3.46 28.32 0.86
N ILE A 392 2.71 27.69 1.75
CA ILE A 392 1.31 27.38 1.51
C ILE A 392 0.45 28.17 2.49
N GLU A 393 -0.17 29.25 2.01
CA GLU A 393 -1.10 30.01 2.84
C GLU A 393 -2.47 29.32 2.84
N VAL A 394 -3.02 29.14 4.04
CA VAL A 394 -4.28 28.44 4.25
C VAL A 394 -5.25 29.36 4.97
N TRP A 395 -6.51 28.96 5.02
CA TRP A 395 -7.53 29.70 5.75
C TRP A 395 -8.33 28.79 6.68
N THR A 396 -8.09 28.99 7.98
CA THR A 396 -8.72 28.25 9.07
C THR A 396 -10.23 28.49 9.16
N ARG A 397 -10.84 28.01 10.25
CA ARG A 397 -12.30 28.08 10.46
C ARG A 397 -12.82 29.53 10.57
N GLN A 398 -11.99 30.43 11.09
CA GLN A 398 -12.32 31.87 11.22
C GLN A 398 -11.94 32.67 9.96
N GLY A 399 -10.78 32.35 9.38
CA GLY A 399 -10.35 32.95 8.13
C GLY A 399 -9.48 34.17 8.26
N GLN A 400 -8.17 33.94 8.44
CA GLN A 400 -7.11 34.95 8.18
C GLN A 400 -5.74 34.28 7.91
N ARG A 401 -4.69 35.07 7.65
CA ARG A 401 -3.44 34.54 7.05
C ARG A 401 -2.55 33.67 7.96
N ARG A 402 -2.56 32.36 7.69
CA ARG A 402 -1.63 31.39 8.29
C ARG A 402 -0.89 30.65 7.19
N VAL A 403 0.35 30.29 7.44
CA VAL A 403 1.06 29.42 6.53
C VAL A 403 1.25 28.05 7.20
N LEU A 404 1.29 27.02 6.36
CA LEU A 404 1.49 25.66 6.83
C LEU A 404 2.90 25.51 7.40
N LYS A 405 2.96 25.08 8.65
CA LYS A 405 4.21 25.06 9.42
C LYS A 405 4.01 24.19 10.67
N PRO A 406 3.97 22.85 10.47
CA PRO A 406 3.51 22.00 11.56
C PRO A 406 4.58 21.80 12.67
N ARG A 407 4.09 21.56 13.88
CA ARG A 407 4.94 21.30 15.05
C ARG A 407 5.83 20.10 14.79
N TRP A 408 5.30 19.12 14.04
CA TRP A 408 6.02 17.93 13.64
C TRP A 408 6.05 17.82 12.14
N LEU A 409 7.24 17.56 11.60
CA LEU A 409 7.52 17.60 10.17
C LEU A 409 7.42 16.20 9.55
N ASP A 410 6.43 16.03 8.69
CA ASP A 410 6.29 14.77 7.98
C ASP A 410 6.27 15.14 6.50
N GLY A 411 7.29 14.70 5.76
CA GLY A 411 7.41 15.05 4.34
C GLY A 411 6.25 14.61 3.45
N ARG A 412 5.39 13.72 3.95
CA ARG A 412 4.28 13.21 3.13
C ARG A 412 3.24 14.29 2.89
N ILE A 413 3.19 15.28 3.77
CA ILE A 413 2.22 16.35 3.64
C ILE A 413 2.29 17.04 2.26
N THR A 414 3.50 17.22 1.73
CA THR A 414 3.68 17.91 0.45
C THR A 414 4.27 16.98 -0.63
N SER A 415 4.21 15.66 -0.43
CA SER A 415 4.89 14.73 -1.35
C SER A 415 4.19 14.59 -2.72
N ASP A 416 2.90 14.89 -2.73
CA ASP A 416 2.15 15.03 -3.97
C ASP A 416 0.95 15.88 -3.67
N HIS A 417 0.15 16.16 -4.69
CA HIS A 417 -0.96 17.09 -4.56
C HIS A 417 -2.15 16.52 -3.81
N LEU A 418 -2.30 15.20 -3.85
CA LEU A 418 -3.35 14.55 -3.08
C LEU A 418 -3.08 14.66 -1.56
N ASN A 419 -1.84 14.41 -1.15
CA ASN A 419 -1.49 14.57 0.26
C ASN A 419 -1.64 16.02 0.72
N LEU A 420 -1.16 16.95 -0.11
CA LEU A 420 -1.23 18.36 0.25
C LEU A 420 -2.64 18.86 0.43
N LYS A 421 -3.52 18.56 -0.54
CA LYS A 421 -4.92 18.96 -0.46
C LYS A 421 -5.61 18.38 0.77
N SER A 422 -5.34 17.12 1.08
CA SER A 422 -5.92 16.47 2.25
C SER A 422 -5.45 17.17 3.53
N PHE A 423 -4.16 17.46 3.64
CA PHE A 423 -3.65 18.20 4.82
C PHE A 423 -4.15 19.65 4.95
N LYS A 424 -4.28 20.37 3.83
CA LYS A 424 -4.87 21.71 3.86
C LYS A 424 -6.30 21.67 4.38
N GLU A 425 -7.05 20.67 3.95
CA GLU A 425 -8.42 20.49 4.42
C GLU A 425 -8.42 20.20 5.92
N PHE A 426 -7.56 19.29 6.35
CA PHE A 426 -7.40 19.00 7.77
C PHE A 426 -7.02 20.24 8.56
N ALA A 427 -5.97 20.95 8.13
CA ALA A 427 -5.49 22.14 8.87
C ALA A 427 -6.55 23.25 8.96
N SER A 428 -7.38 23.37 7.92
CA SER A 428 -8.51 24.31 7.90
C SER A 428 -9.68 23.90 8.80
N GLY A 429 -9.58 22.71 9.38
CA GLY A 429 -10.62 22.22 10.29
C GLY A 429 -11.81 21.60 9.58
N LYS A 430 -11.62 21.17 8.33
CA LYS A 430 -12.70 20.56 7.54
C LYS A 430 -13.09 19.13 7.97
N ARG A 431 -12.16 18.40 8.61
CA ARG A 431 -12.37 17.01 9.02
C ARG A 431 -12.18 16.83 10.51
P1 POP B . -3.87 -13.03 -9.38
O1 POP B . -3.10 -14.33 -9.41
O2 POP B . -4.22 -12.63 -10.80
O3 POP B . -5.17 -13.20 -8.61
O POP B . -2.96 -11.88 -8.69
P2 POP B . -1.50 -11.44 -9.25
O4 POP B . -0.45 -11.76 -8.20
O5 POP B . -1.48 -9.95 -9.51
O6 POP B . -1.22 -12.20 -10.52
#